data_8CAK
#
_entry.id   8CAK
#
_cell.length_a   127.476
_cell.length_b   127.476
_cell.length_c   71.944
_cell.angle_alpha   90.000
_cell.angle_beta   90.000
_cell.angle_gamma   120.000
#
_symmetry.space_group_name_H-M   'P 3 2 1'
#
loop_
_entity.id
_entity.type
_entity.pdbx_description
1 polymer 'Putative ferric reductase'
2 non-polymer 'FLAVIN-ADENINE DINUCLEOTIDE'
3 non-polymer 15-(1,4-dioxa-8-azaspiro[4.5]decan-8-yl)-14-azatetracyclo[7.7.1.0^{2,7}.0^{13,17}]heptadeca-1(16),2(7),3,5,9,11,13(17),14-octaen-8-one
4 non-polymer 1,2-ETHANEDIOL
5 non-polymer 'DIMETHYL SULFOXIDE'
6 water water
#
_entity_poly.entity_id   1
_entity_poly.type   'polypeptide(L)'
_entity_poly.pdbx_seq_one_letter_code
;GSEPTFVVNASLLPSKVLGLQVQRPQSFNYQPGDYLFIKCPGISKFEWHPFTISSAPEMPDVLTLHIRAVGSWTGKLYQL
IREQREEWIRSGSSQSLPGVPVYIDGPYGTPSTHIFESKYAILICAGIGVTPFASILKSILHRNQQNPAKMPLKKVHFYW
LNREQKAFEWFVELLSKIEAEDTNNLFDLNLYLTGAQQKSDMKSSTLFVAMDLMHQETKVDLITGLKSRTKTGRPDWEEI
FKDVAKQHAPDNVEVFFCGPTGLALQLRHLCTKYGFGYRKENF
;
_entity_poly.pdbx_strand_id   A
#
# COMPACT_ATOMS: atom_id res chain seq x y z
N GLY A 1 20.45 -3.96 4.04
CA GLY A 1 21.30 -2.90 4.66
C GLY A 1 21.57 -1.75 3.70
N SER A 2 22.58 -0.92 4.04
CA SER A 2 22.77 0.51 3.64
C SER A 2 23.40 0.64 2.24
N GLU A 3 22.95 1.64 1.47
CA GLU A 3 23.23 1.87 0.01
C GLU A 3 22.81 3.29 -0.37
N PRO A 4 23.72 4.23 -0.84
CA PRO A 4 23.32 5.56 -1.37
C PRO A 4 22.53 5.47 -2.68
N THR A 5 21.49 6.29 -2.84
CA THR A 5 20.65 6.31 -4.06
C THR A 5 19.87 7.62 -4.12
N PHE A 6 18.96 7.74 -5.09
CA PHE A 6 18.31 9.03 -5.45
C PHE A 6 16.79 8.82 -5.56
N VAL A 7 16.06 9.75 -4.95
CA VAL A 7 14.70 10.12 -5.45
C VAL A 7 14.89 10.78 -6.83
N VAL A 8 14.42 10.13 -7.89
CA VAL A 8 14.63 10.54 -9.30
C VAL A 8 13.34 11.22 -9.84
N ASN A 9 12.18 10.86 -9.31
CA ASN A 9 10.90 11.55 -9.61
C ASN A 9 9.99 11.53 -8.36
N ALA A 10 8.94 12.32 -8.39
CA ALA A 10 7.95 12.40 -7.32
C ALA A 10 6.64 12.91 -7.90
N SER A 11 5.62 12.74 -7.09
CA SER A 11 4.21 12.86 -7.45
C SER A 11 3.56 13.63 -6.30
N LEU A 12 2.89 14.76 -6.52
CA LEU A 12 2.21 15.46 -5.37
C LEU A 12 0.74 15.10 -5.40
N LEU A 13 0.29 14.31 -4.41
CA LEU A 13 -1.03 13.64 -4.44
C LEU A 13 -1.90 14.20 -3.32
N PRO A 14 -3.24 14.06 -3.42
CA PRO A 14 -4.14 14.62 -2.43
C PRO A 14 -3.85 14.12 -1.00
N SER A 15 -4.31 14.85 0.00
CA SER A 15 -4.07 14.64 1.45
C SER A 15 -2.57 14.62 1.73
N LYS A 16 -1.81 15.47 1.04
CA LYS A 16 -0.41 15.84 1.39
C LYS A 16 0.48 14.60 1.25
N VAL A 17 0.33 13.83 0.18
CA VAL A 17 1.10 12.57 0.00
C VAL A 17 2.15 12.75 -1.11
N LEU A 18 3.40 12.37 -0.82
CA LEU A 18 4.48 12.24 -1.82
C LEU A 18 4.48 10.82 -2.37
N GLY A 19 4.39 10.70 -3.69
CA GLY A 19 4.63 9.46 -4.44
C GLY A 19 6.04 9.46 -4.97
N LEU A 20 6.98 9.09 -4.12
CA LEU A 20 8.41 9.00 -4.42
C LEU A 20 8.68 7.85 -5.38
N GLN A 21 9.50 8.08 -6.40
CA GLN A 21 10.21 7.03 -7.17
C GLN A 21 11.69 7.09 -6.77
N VAL A 22 12.25 5.92 -6.44
CA VAL A 22 13.65 5.77 -5.95
C VAL A 22 14.37 4.76 -6.81
N GLN A 23 15.54 5.15 -7.33
CA GLN A 23 16.43 4.29 -8.13
C GLN A 23 16.71 3.04 -7.31
N ARG A 24 16.32 1.87 -7.83
CA ARG A 24 16.49 0.60 -7.12
C ARG A 24 17.92 0.10 -7.30
N PRO A 25 18.68 -0.12 -6.22
CA PRO A 25 20.02 -0.66 -6.33
C PRO A 25 20.00 -1.94 -7.16
N GLN A 26 21.07 -2.19 -7.93
CA GLN A 26 21.08 -3.36 -8.86
C GLN A 26 20.98 -4.67 -8.11
N SER A 27 21.24 -4.67 -6.81
CA SER A 27 21.23 -5.93 -6.05
C SER A 27 20.13 -5.90 -5.00
N PHE A 28 19.03 -5.18 -5.24
CA PHE A 28 18.02 -5.06 -4.14
C PHE A 28 16.74 -5.86 -4.44
N ASN A 29 16.52 -6.93 -3.68
CA ASN A 29 15.36 -7.83 -3.88
C ASN A 29 14.43 -7.64 -2.71
N TYR A 30 13.15 -7.46 -2.99
CA TYR A 30 12.12 -7.34 -1.96
C TYR A 30 11.00 -8.28 -2.34
N GLN A 31 10.11 -8.45 -1.38
CA GLN A 31 8.82 -9.13 -1.54
C GLN A 31 7.71 -8.13 -1.26
N PRO A 32 6.54 -8.33 -1.89
CA PRO A 32 5.42 -7.42 -1.72
C PRO A 32 4.97 -7.44 -0.26
N GLY A 33 4.90 -6.27 0.38
CA GLY A 33 4.55 -6.09 1.79
C GLY A 33 5.76 -5.67 2.61
N ASP A 34 6.96 -5.90 2.06
CA ASP A 34 8.25 -5.44 2.65
C ASP A 34 8.21 -3.91 2.74
N TYR A 35 8.90 -3.41 3.76
CA TYR A 35 9.21 -1.98 3.98
C TYR A 35 10.72 -1.78 4.08
N LEU A 36 11.13 -0.52 4.07
CA LEU A 36 12.55 -0.14 4.32
C LEU A 36 12.58 1.07 5.24
N PHE A 37 13.76 1.32 5.82
CA PHE A 37 14.08 2.62 6.46
C PHE A 37 14.80 3.50 5.45
N ILE A 38 14.50 4.80 5.48
CA ILE A 38 15.12 5.79 4.55
C ILE A 38 15.70 6.98 5.35
N LYS A 39 16.89 7.44 4.96
CA LYS A 39 17.54 8.64 5.54
C LYS A 39 17.71 9.65 4.42
N CYS A 40 17.33 10.90 4.64
CA CYS A 40 17.48 11.99 3.66
C CYS A 40 18.35 13.08 4.27
N PRO A 41 19.68 13.04 4.02
CA PRO A 41 20.62 14.01 4.60
C PRO A 41 20.06 15.45 4.57
N GLY A 42 19.39 15.79 3.47
CA GLY A 42 18.78 17.13 3.30
C GLY A 42 17.78 17.47 4.38
N ILE A 43 17.15 16.49 5.02
CA ILE A 43 16.16 16.75 6.11
C ILE A 43 16.87 16.50 7.44
N SER A 44 17.47 15.32 7.60
CA SER A 44 18.26 14.99 8.81
C SER A 44 19.26 13.92 8.40
N LYS A 45 20.51 14.08 8.83
CA LYS A 45 21.57 13.10 8.47
C LYS A 45 21.66 12.08 9.58
N PHE A 46 20.72 12.13 10.51
CA PHE A 46 20.79 11.22 11.69
C PHE A 46 19.50 10.41 11.78
N GLU A 47 18.44 10.84 11.11
CA GLU A 47 17.13 10.17 11.30
C GLU A 47 16.74 9.20 10.20
N TRP A 48 16.28 8.02 10.60
CA TRP A 48 15.75 6.97 9.68
C TRP A 48 14.26 6.78 9.96
N HIS A 49 13.43 6.85 8.93
CA HIS A 49 11.99 6.54 9.01
C HIS A 49 11.66 5.37 8.09
N PRO A 50 10.77 4.48 8.56
CA PRO A 50 10.28 3.37 7.74
C PRO A 50 9.07 3.72 6.87
N PHE A 51 9.08 3.21 5.66
CA PHE A 51 8.00 3.35 4.66
C PHE A 51 7.87 2.01 3.95
N THR A 52 6.63 1.58 3.84
CA THR A 52 6.25 0.45 2.96
C THR A 52 6.68 0.77 1.53
N ILE A 53 7.20 -0.24 0.85
CA ILE A 53 7.45 -0.17 -0.61
C ILE A 53 6.14 -0.41 -1.38
N SER A 54 5.51 0.64 -1.91
CA SER A 54 4.22 0.54 -2.63
C SER A 54 4.39 -0.13 -4.02
N SER A 55 5.59 -0.14 -4.59
CA SER A 55 5.86 -0.86 -5.85
C SER A 55 5.86 -2.37 -5.62
N ALA A 56 5.61 -3.12 -6.70
CA ALA A 56 5.80 -4.58 -6.80
C ALA A 56 7.23 -4.85 -7.24
N PRO A 57 7.89 -5.89 -6.70
CA PRO A 57 9.28 -6.17 -7.02
C PRO A 57 9.50 -6.56 -8.48
N GLU A 58 8.42 -6.73 -9.23
CA GLU A 58 8.45 -7.06 -10.69
C GLU A 58 8.70 -5.77 -11.48
N MET A 59 8.38 -4.59 -10.94
CA MET A 59 8.81 -3.28 -11.52
C MET A 59 10.33 -3.15 -11.35
N PRO A 60 11.12 -3.07 -12.44
CA PRO A 60 12.55 -3.38 -12.38
C PRO A 60 13.62 -2.32 -12.02
N ASP A 61 13.37 -1.02 -12.16
CA ASP A 61 14.46 -0.01 -11.95
C ASP A 61 14.16 0.98 -10.84
N VAL A 62 12.94 1.00 -10.33
CA VAL A 62 12.61 1.94 -9.23
C VAL A 62 11.76 1.22 -8.19
N LEU A 63 11.88 1.71 -6.96
CA LEU A 63 11.00 1.40 -5.81
C LEU A 63 10.06 2.59 -5.73
N THR A 64 8.86 2.37 -5.24
CA THR A 64 7.93 3.47 -4.97
C THR A 64 7.75 3.55 -3.45
N LEU A 65 7.65 4.76 -2.92
CA LEU A 65 7.16 5.05 -1.57
C LEU A 65 6.00 6.02 -1.67
N HIS A 66 4.94 5.81 -0.91
CA HIS A 66 3.85 6.80 -0.77
C HIS A 66 3.87 7.24 0.68
N ILE A 67 4.24 8.50 0.90
CA ILE A 67 4.49 9.09 2.24
C ILE A 67 3.50 10.25 2.46
N ARG A 68 2.80 10.23 3.58
CA ARG A 68 1.91 11.33 4.01
C ARG A 68 2.66 12.28 4.95
N ALA A 69 2.61 13.56 4.64
CA ALA A 69 3.13 14.66 5.49
C ALA A 69 2.25 14.74 6.74
N VAL A 70 2.74 14.20 7.85
CA VAL A 70 1.95 14.05 9.11
C VAL A 70 2.67 14.67 10.30
N GLY A 71 3.94 15.05 10.14
CA GLY A 71 4.75 15.57 11.25
C GLY A 71 6.08 16.11 10.77
N SER A 72 7.05 16.19 11.68
CA SER A 72 8.28 16.94 11.44
C SER A 72 8.95 16.44 10.14
N TRP A 73 9.44 15.21 10.12
CA TRP A 73 10.34 14.72 9.04
C TRP A 73 9.59 14.58 7.71
N THR A 74 8.36 14.05 7.71
CA THR A 74 7.52 13.96 6.49
C THR A 74 7.12 15.37 6.03
N GLY A 75 6.61 16.24 6.91
CA GLY A 75 6.36 17.65 6.57
C GLY A 75 7.55 18.24 5.82
N LYS A 76 8.75 18.16 6.39
CA LYS A 76 9.96 18.75 5.78
C LYS A 76 10.23 18.11 4.42
N LEU A 77 10.20 16.79 4.32
CA LEU A 77 10.46 16.12 3.02
C LEU A 77 9.47 16.61 1.96
N TYR A 78 8.19 16.73 2.32
CA TYR A 78 7.11 17.29 1.46
C TYR A 78 7.55 18.67 0.95
N GLN A 79 7.89 19.56 1.89
CA GLN A 79 8.24 20.95 1.58
C GLN A 79 9.46 20.99 0.65
N LEU A 80 10.49 20.20 0.95
CA LEU A 80 11.72 20.12 0.12
C LEU A 80 11.36 19.71 -1.31
N ILE A 81 10.43 18.80 -1.49
CA ILE A 81 10.09 18.29 -2.85
C ILE A 81 9.18 19.31 -3.53
N ARG A 82 8.17 19.83 -2.84
CA ARG A 82 7.28 20.86 -3.41
C ARG A 82 8.19 21.95 -4.00
N GLU A 83 9.11 22.46 -3.19
CA GLU A 83 9.96 23.64 -3.53
C GLU A 83 10.95 23.28 -4.63
N GLN A 84 11.58 22.13 -4.57
CA GLN A 84 12.51 21.68 -5.62
C GLN A 84 11.77 21.61 -6.97
N ARG A 85 10.46 21.32 -6.95
CA ARG A 85 9.65 21.04 -8.16
C ARG A 85 9.08 22.36 -8.68
N GLU A 86 8.60 23.22 -7.80
CA GLU A 86 8.11 24.56 -8.18
C GLU A 86 9.26 25.39 -8.78
N GLU A 87 10.48 25.17 -8.31
CA GLU A 87 11.64 25.98 -8.76
C GLU A 87 12.06 25.52 -10.14
N TRP A 88 11.88 24.23 -10.42
CA TRP A 88 12.34 23.66 -11.72
C TRP A 88 11.24 23.85 -12.76
N ILE A 89 10.05 24.27 -12.34
CA ILE A 89 9.02 24.57 -13.38
C ILE A 89 9.07 26.07 -13.65
N ARG A 90 9.70 26.83 -12.75
CA ARG A 90 9.87 28.28 -12.99
C ARG A 90 11.15 28.47 -13.78
N SER A 91 12.21 27.75 -13.42
CA SER A 91 13.49 27.84 -14.16
C SER A 91 13.34 27.04 -15.45
N GLY A 92 12.91 25.79 -15.30
CA GLY A 92 12.69 24.95 -16.48
C GLY A 92 13.70 23.83 -16.51
N SER A 93 13.75 23.10 -17.62
CA SER A 93 14.77 22.02 -17.79
C SER A 93 16.07 22.62 -18.32
N SER A 94 16.56 23.70 -17.71
CA SER A 94 17.90 24.23 -18.08
C SER A 94 18.79 22.99 -18.19
N GLN A 95 18.69 22.10 -17.19
CA GLN A 95 19.36 20.77 -17.29
C GLN A 95 18.43 19.70 -16.65
N SER A 96 18.66 18.40 -16.89
CA SER A 96 17.86 17.28 -16.32
C SER A 96 17.59 17.56 -14.83
N LEU A 97 16.42 17.18 -14.29
CA LEU A 97 15.96 17.44 -12.89
C LEU A 97 16.91 16.79 -11.87
N PRO A 98 17.47 17.51 -10.87
CA PRO A 98 18.37 16.89 -9.89
C PRO A 98 17.61 16.04 -8.86
N GLY A 99 18.14 14.84 -8.61
CA GLY A 99 17.51 13.80 -7.77
C GLY A 99 18.00 13.85 -6.33
N VAL A 100 17.08 13.91 -5.36
CA VAL A 100 17.38 14.02 -3.90
C VAL A 100 18.17 12.80 -3.45
N PRO A 101 19.41 12.95 -2.92
CA PRO A 101 20.20 11.80 -2.46
C PRO A 101 19.57 11.25 -1.17
N VAL A 102 19.55 9.92 -1.07
CA VAL A 102 18.96 9.22 0.12
C VAL A 102 19.71 7.91 0.36
N TYR A 103 19.63 7.45 1.61
CA TYR A 103 20.09 6.10 2.02
C TYR A 103 18.85 5.23 2.25
N ILE A 104 18.90 4.00 1.76
CA ILE A 104 17.85 3.00 2.10
C ILE A 104 18.56 1.82 2.77
N ASP A 105 17.89 1.28 3.78
CA ASP A 105 18.25 0.07 4.55
C ASP A 105 17.02 -0.84 4.46
N GLY A 106 17.18 -2.04 3.90
CA GLY A 106 16.10 -3.02 3.90
C GLY A 106 16.42 -4.13 2.92
N PRO A 107 15.46 -4.98 2.53
CA PRO A 107 14.06 -4.85 2.95
C PRO A 107 13.78 -5.52 4.30
N TYR A 108 12.78 -5.06 5.06
CA TYR A 108 12.20 -5.67 6.28
C TYR A 108 10.88 -6.34 5.87
N GLY A 109 10.62 -7.54 6.39
CA GLY A 109 9.45 -8.37 6.12
C GLY A 109 8.28 -8.04 7.02
N THR A 110 7.07 -8.35 6.57
CA THR A 110 5.81 -8.22 7.34
C THR A 110 5.03 -9.48 7.05
N PRO A 111 4.19 -9.93 7.99
CA PRO A 111 3.42 -11.14 7.78
C PRO A 111 2.45 -11.03 6.58
N SER A 112 2.11 -9.83 6.10
CA SER A 112 1.24 -9.60 4.91
C SER A 112 1.66 -10.49 3.73
N THR A 113 2.95 -10.72 3.56
CA THR A 113 3.44 -11.50 2.41
C THR A 113 2.83 -12.91 2.45
N HIS A 114 2.27 -13.38 3.57
CA HIS A 114 1.77 -14.76 3.71
C HIS A 114 0.47 -14.90 2.90
N ILE A 115 -0.09 -13.77 2.46
CA ILE A 115 -1.26 -13.76 1.53
C ILE A 115 -0.97 -14.65 0.32
N PHE A 116 0.24 -14.65 -0.24
CA PHE A 116 0.54 -15.45 -1.45
C PHE A 116 0.42 -16.94 -1.12
N GLU A 117 0.35 -17.29 0.16
CA GLU A 117 0.28 -18.69 0.66
C GLU A 117 -1.07 -18.97 1.33
N SER A 118 -2.07 -18.09 1.25
CA SER A 118 -3.44 -18.33 1.76
C SER A 118 -4.40 -18.68 0.61
N LYS A 119 -5.48 -19.42 0.91
CA LYS A 119 -6.62 -19.63 -0.02
C LYS A 119 -7.54 -18.39 0.00
N TYR A 120 -8.01 -18.00 1.18
CA TYR A 120 -8.98 -16.90 1.38
C TYR A 120 -8.34 -15.84 2.28
N ALA A 121 -8.32 -14.59 1.83
CA ALA A 121 -7.66 -13.48 2.52
C ALA A 121 -8.64 -12.30 2.62
N ILE A 122 -8.66 -11.65 3.78
CA ILE A 122 -9.28 -10.32 4.02
C ILE A 122 -8.17 -9.28 4.20
N LEU A 123 -8.11 -8.25 3.36
CA LEU A 123 -7.20 -7.09 3.55
C LEU A 123 -8.03 -5.90 3.99
N ILE A 124 -7.77 -5.38 5.19
CA ILE A 124 -8.45 -4.16 5.70
C ILE A 124 -7.39 -3.08 5.91
N CYS A 125 -7.61 -1.89 5.38
CA CYS A 125 -6.67 -0.75 5.55
C CYS A 125 -7.43 0.57 5.59
N ALA A 126 -6.84 1.55 6.26
CA ALA A 126 -7.37 2.92 6.43
C ALA A 126 -6.29 3.90 5.98
N GLY A 127 -6.66 4.96 5.28
CA GLY A 127 -5.73 5.94 4.73
C GLY A 127 -4.47 5.29 4.17
N ILE A 128 -3.30 5.79 4.57
CA ILE A 128 -2.03 5.46 3.87
C ILE A 128 -1.61 4.01 4.20
N GLY A 129 -2.30 3.40 5.16
CA GLY A 129 -2.22 1.96 5.46
C GLY A 129 -2.52 1.06 4.29
N VAL A 130 -3.01 1.59 3.18
CA VAL A 130 -3.20 0.83 1.92
C VAL A 130 -1.85 0.35 1.33
N THR A 131 -0.74 0.99 1.63
CA THR A 131 0.45 0.88 0.77
C THR A 131 0.94 -0.55 0.66
N PRO A 132 1.01 -1.37 1.73
CA PRO A 132 1.53 -2.74 1.55
C PRO A 132 0.60 -3.52 0.61
N PHE A 133 -0.70 -3.26 0.73
CA PHE A 133 -1.76 -3.98 0.00
C PHE A 133 -1.66 -3.56 -1.47
N ALA A 134 -1.24 -2.32 -1.70
CA ALA A 134 -1.02 -1.78 -3.05
C ALA A 134 0.05 -2.64 -3.75
N SER A 135 1.18 -2.89 -3.06
CA SER A 135 2.30 -3.70 -3.59
C SER A 135 1.77 -5.09 -3.89
N ILE A 136 0.98 -5.63 -2.97
CA ILE A 136 0.56 -7.06 -3.02
C ILE A 136 -0.40 -7.25 -4.21
N LEU A 137 -1.41 -6.38 -4.35
CA LEU A 137 -2.36 -6.42 -5.49
C LEU A 137 -1.60 -6.37 -6.84
N LYS A 138 -0.70 -5.41 -7.08
CA LYS A 138 0.11 -5.37 -8.34
C LYS A 138 0.86 -6.71 -8.54
N SER A 139 1.40 -7.27 -7.48
CA SER A 139 2.20 -8.51 -7.59
C SER A 139 1.28 -9.64 -8.10
N ILE A 140 0.14 -9.80 -7.44
CA ILE A 140 -0.92 -10.78 -7.83
C ILE A 140 -1.25 -10.65 -9.33
N LEU A 141 -1.35 -9.43 -9.87
CA LEU A 141 -1.59 -9.21 -11.32
C LEU A 141 -0.42 -9.76 -12.15
N HIS A 142 0.83 -9.32 -11.93
CA HIS A 142 2.00 -9.89 -12.66
C HIS A 142 1.97 -11.43 -12.57
N ARG A 143 1.45 -12.00 -11.48
CA ARG A 143 1.52 -13.46 -11.20
C ARG A 143 0.43 -14.28 -11.92
N ASN A 144 -0.68 -13.67 -12.32
CA ASN A 144 -1.68 -14.35 -13.19
C ASN A 144 -1.19 -14.24 -14.62
N GLN A 145 -0.70 -13.06 -15.01
CA GLN A 145 -0.14 -12.87 -16.36
C GLN A 145 0.99 -13.85 -16.60
N GLN A 146 1.48 -14.51 -15.55
CA GLN A 146 2.69 -15.34 -15.79
C GLN A 146 2.55 -16.78 -15.27
N ASN A 147 1.65 -17.07 -14.34
CA ASN A 147 1.64 -18.42 -13.71
C ASN A 147 0.42 -18.62 -12.81
N PRO A 148 -0.82 -18.56 -13.34
CA PRO A 148 -2.01 -18.61 -12.48
C PRO A 148 -2.05 -19.92 -11.67
N ALA A 149 -1.38 -20.96 -12.18
CA ALA A 149 -1.20 -22.28 -11.53
C ALA A 149 -0.57 -22.12 -10.14
N LYS A 150 0.61 -21.48 -10.06
CA LYS A 150 1.48 -21.41 -8.85
C LYS A 150 0.82 -20.57 -7.74
N MET A 151 -0.41 -20.08 -7.93
CA MET A 151 -1.21 -19.24 -6.97
C MET A 151 -2.24 -20.11 -6.25
N PRO A 152 -2.10 -20.37 -4.92
CA PRO A 152 -3.11 -21.07 -4.14
C PRO A 152 -4.23 -20.17 -3.58
N LEU A 153 -4.20 -18.91 -3.98
CA LEU A 153 -5.02 -17.81 -3.45
C LEU A 153 -6.28 -17.74 -4.31
N LYS A 154 -7.43 -18.03 -3.70
CA LYS A 154 -8.69 -18.33 -4.43
C LYS A 154 -9.61 -17.11 -4.29
N LYS A 155 -9.52 -16.32 -3.21
CA LYS A 155 -10.37 -15.10 -3.09
C LYS A 155 -9.71 -14.07 -2.19
N VAL A 156 -9.76 -12.81 -2.61
CA VAL A 156 -9.18 -11.65 -1.85
C VAL A 156 -10.31 -10.66 -1.56
N HIS A 157 -10.68 -10.49 -0.29
CA HIS A 157 -11.66 -9.46 0.16
C HIS A 157 -10.88 -8.21 0.58
N PHE A 158 -11.08 -7.09 -0.11
CA PHE A 158 -10.31 -5.83 0.08
C PHE A 158 -11.23 -4.76 0.69
N TYR A 159 -10.88 -4.21 1.85
CA TYR A 159 -11.62 -3.09 2.48
C TYR A 159 -10.64 -1.94 2.68
N TRP A 160 -10.94 -0.78 2.10
CA TRP A 160 -10.09 0.43 2.19
C TRP A 160 -10.97 1.57 2.66
N LEU A 161 -10.74 2.03 3.89
CA LEU A 161 -11.42 3.18 4.53
C LEU A 161 -10.59 4.46 4.39
N ASN A 162 -11.27 5.58 4.17
CA ASN A 162 -10.60 6.91 4.02
C ASN A 162 -11.58 7.96 4.54
N ARG A 163 -11.07 9.02 5.16
CA ARG A 163 -11.91 10.12 5.68
C ARG A 163 -12.08 11.15 4.56
N GLU A 164 -11.12 11.24 3.67
CA GLU A 164 -11.21 12.16 2.51
C GLU A 164 -11.35 11.31 1.24
N GLN A 165 -12.24 11.69 0.33
CA GLN A 165 -12.52 10.85 -0.88
C GLN A 165 -11.42 11.01 -1.91
N LYS A 166 -10.61 12.05 -1.79
CA LYS A 166 -9.57 12.32 -2.82
C LYS A 166 -8.35 11.44 -2.53
N ALA A 167 -8.39 10.70 -1.44
CA ALA A 167 -7.25 9.83 -1.09
C ALA A 167 -7.37 8.52 -1.86
N PHE A 168 -8.54 8.22 -2.41
CA PHE A 168 -8.75 6.98 -3.19
C PHE A 168 -8.02 7.11 -4.52
N GLU A 169 -7.70 8.34 -4.91
CA GLU A 169 -6.99 8.65 -6.18
C GLU A 169 -5.54 8.16 -6.09
N TRP A 170 -5.00 8.05 -4.88
CA TRP A 170 -3.63 7.51 -4.71
C TRP A 170 -3.50 6.24 -5.54
N PHE A 171 -4.55 5.43 -5.61
CA PHE A 171 -4.44 4.07 -6.22
C PHE A 171 -5.64 3.78 -7.12
N VAL A 172 -6.38 4.80 -7.53
CA VAL A 172 -7.60 4.62 -8.36
C VAL A 172 -7.24 3.89 -9.66
N GLU A 173 -6.10 4.16 -10.28
CA GLU A 173 -5.69 3.48 -11.54
C GLU A 173 -5.54 1.98 -11.28
N LEU A 174 -4.77 1.60 -10.27
CA LEU A 174 -4.57 0.19 -9.90
C LEU A 174 -5.92 -0.49 -9.73
N LEU A 175 -6.85 0.19 -9.05
CA LEU A 175 -8.19 -0.36 -8.74
C LEU A 175 -9.02 -0.57 -10.02
N SER A 176 -8.94 0.36 -10.98
CA SER A 176 -9.44 0.22 -12.37
C SER A 176 -8.87 -1.03 -13.04
N LYS A 177 -7.53 -1.12 -13.14
CA LYS A 177 -6.83 -2.21 -13.87
C LYS A 177 -7.29 -3.56 -13.32
N ILE A 178 -7.47 -3.67 -12.01
CA ILE A 178 -8.05 -4.89 -11.36
C ILE A 178 -9.51 -5.03 -11.80
N GLU A 179 -10.31 -3.99 -11.63
CA GLU A 179 -11.75 -4.01 -12.02
C GLU A 179 -11.84 -4.50 -13.47
N ALA A 180 -11.10 -3.88 -14.37
CA ALA A 180 -10.93 -4.31 -15.78
C ALA A 180 -10.57 -5.80 -15.86
N GLU A 181 -9.40 -6.20 -15.36
CA GLU A 181 -8.74 -7.50 -15.65
C GLU A 181 -9.12 -8.65 -14.69
N ASP A 182 -10.12 -8.50 -13.82
CA ASP A 182 -10.50 -9.55 -12.84
C ASP A 182 -11.75 -10.25 -13.36
N THR A 183 -11.61 -10.94 -14.50
CA THR A 183 -12.76 -11.59 -15.20
C THR A 183 -13.15 -12.83 -14.38
N ASN A 184 -12.18 -13.41 -13.66
CA ASN A 184 -12.38 -14.65 -12.86
C ASN A 184 -12.78 -14.30 -11.43
N ASN A 185 -12.91 -13.02 -11.12
CA ASN A 185 -13.51 -12.50 -9.85
C ASN A 185 -12.70 -12.99 -8.63
N LEU A 186 -11.38 -12.97 -8.70
CA LEU A 186 -10.51 -13.20 -7.53
C LEU A 186 -10.78 -12.12 -6.46
N PHE A 187 -10.98 -10.88 -6.87
CA PHE A 187 -11.05 -9.72 -5.94
C PHE A 187 -12.48 -9.39 -5.63
N ASP A 188 -12.68 -8.83 -4.44
CA ASP A 188 -13.91 -8.19 -3.92
C ASP A 188 -13.46 -6.84 -3.35
N LEU A 189 -13.43 -5.79 -4.16
CA LEU A 189 -13.02 -4.42 -3.74
C LEU A 189 -14.16 -3.70 -3.01
N ASN A 190 -13.85 -3.02 -1.91
CA ASN A 190 -14.79 -2.24 -1.07
C ASN A 190 -14.08 -0.98 -0.56
N LEU A 191 -14.55 0.19 -0.98
CA LEU A 191 -14.04 1.51 -0.56
C LEU A 191 -15.11 2.15 0.31
N TYR A 192 -14.76 2.64 1.50
CA TYR A 192 -15.67 3.34 2.44
C TYR A 192 -15.12 4.75 2.65
N LEU A 193 -15.99 5.75 2.57
CA LEU A 193 -15.79 7.14 3.04
C LEU A 193 -16.38 7.24 4.44
N THR A 194 -15.65 7.70 5.46
CA THR A 194 -15.99 7.54 6.91
C THR A 194 -16.41 8.84 7.60
N LEU A 222 -19.32 3.77 -8.62
CA LEU A 222 -20.15 4.88 -8.08
C LEU A 222 -19.24 6.09 -7.91
N ILE A 223 -18.90 6.42 -6.65
CA ILE A 223 -18.37 7.76 -6.27
C ILE A 223 -16.89 7.86 -6.65
N THR A 224 -16.16 6.71 -6.74
CA THR A 224 -14.72 6.67 -7.13
C THR A 224 -14.58 6.80 -8.65
N GLY A 225 -15.67 7.17 -9.35
CA GLY A 225 -15.80 6.98 -10.81
C GLY A 225 -15.38 5.58 -11.21
N LEU A 226 -15.45 4.60 -10.29
CA LEU A 226 -15.17 3.15 -10.52
C LEU A 226 -16.50 2.43 -10.77
N LYS A 227 -16.47 1.24 -11.40
CA LYS A 227 -17.61 0.28 -11.44
C LYS A 227 -17.88 -0.21 -10.00
N SER A 228 -17.06 0.19 -9.03
CA SER A 228 -17.19 -0.07 -7.56
C SER A 228 -17.97 1.06 -6.88
N ARG A 229 -19.05 0.70 -6.16
CA ARG A 229 -19.90 1.69 -5.43
C ARG A 229 -19.14 2.09 -4.16
N THR A 230 -18.41 3.20 -4.18
CA THR A 230 -17.91 3.85 -2.94
C THR A 230 -19.04 3.88 -1.88
N LYS A 231 -18.85 3.23 -0.74
CA LYS A 231 -19.82 3.07 0.38
C LYS A 231 -19.59 4.16 1.42
N THR A 232 -20.50 4.36 2.37
CA THR A 232 -20.40 5.49 3.34
C THR A 232 -20.62 4.97 4.78
N GLY A 233 -19.89 5.57 5.73
CA GLY A 233 -19.93 5.26 7.17
C GLY A 233 -18.89 4.23 7.54
N ARG A 234 -18.66 4.06 8.85
CA ARG A 234 -17.98 2.88 9.44
C ARG A 234 -18.69 1.64 8.87
N PRO A 235 -17.97 0.70 8.22
CA PRO A 235 -18.53 -0.60 7.84
C PRO A 235 -19.02 -1.44 9.01
N ASP A 236 -19.99 -2.32 8.74
CA ASP A 236 -20.52 -3.34 9.69
C ASP A 236 -19.61 -4.58 9.59
N TRP A 237 -18.57 -4.57 10.40
CA TRP A 237 -17.52 -5.59 10.39
C TRP A 237 -18.07 -6.95 10.81
N GLU A 238 -19.03 -6.97 11.75
CA GLU A 238 -19.69 -8.25 12.11
C GLU A 238 -20.37 -8.83 10.88
N GLU A 239 -21.13 -8.00 10.18
CA GLU A 239 -21.94 -8.51 9.06
C GLU A 239 -20.98 -9.05 7.99
N ILE A 240 -19.89 -8.32 7.73
CA ILE A 240 -18.87 -8.67 6.69
C ILE A 240 -18.16 -9.97 7.05
N PHE A 241 -17.77 -10.15 8.32
CA PHE A 241 -17.01 -11.33 8.78
C PHE A 241 -17.90 -12.57 8.70
N LYS A 242 -19.15 -12.40 9.13
CA LYS A 242 -20.20 -13.44 9.02
C LYS A 242 -20.29 -13.86 7.55
N ASP A 243 -20.38 -12.87 6.68
CA ASP A 243 -20.66 -13.18 5.27
C ASP A 243 -19.53 -14.06 4.74
N VAL A 244 -18.30 -13.64 4.98
CA VAL A 244 -17.07 -14.29 4.43
C VAL A 244 -16.96 -15.70 5.03
N ALA A 245 -17.26 -15.81 6.32
CA ALA A 245 -17.26 -17.12 7.01
C ALA A 245 -18.13 -18.11 6.20
N LYS A 246 -19.37 -17.69 5.91
CA LYS A 246 -20.35 -18.48 5.11
C LYS A 246 -19.78 -18.74 3.71
N GLN A 247 -19.18 -17.76 3.04
CA GLN A 247 -18.52 -18.03 1.74
C GLN A 247 -17.45 -19.13 1.85
N HIS A 248 -16.62 -19.21 2.91
CA HIS A 248 -15.39 -20.05 2.84
C HIS A 248 -15.38 -21.23 3.79
N ALA A 249 -16.23 -21.28 4.81
CA ALA A 249 -16.22 -22.39 5.81
C ALA A 249 -16.37 -23.72 5.10
N PRO A 250 -15.75 -24.81 5.60
CA PRO A 250 -14.93 -24.77 6.82
C PRO A 250 -13.45 -24.44 6.62
N ASP A 251 -13.07 -23.93 5.45
CA ASP A 251 -11.65 -23.61 5.17
C ASP A 251 -11.27 -22.38 6.00
N ASN A 252 -9.95 -22.19 6.10
CA ASN A 252 -9.28 -21.09 6.85
C ASN A 252 -9.26 -19.80 6.01
N VAL A 253 -9.72 -18.74 6.64
CA VAL A 253 -9.57 -17.34 6.18
C VAL A 253 -8.50 -16.64 7.01
N GLU A 254 -7.60 -15.93 6.35
CA GLU A 254 -6.58 -15.06 6.99
C GLU A 254 -7.02 -13.60 6.94
N VAL A 255 -6.98 -12.90 8.07
CA VAL A 255 -7.13 -11.43 8.13
C VAL A 255 -5.76 -10.76 8.23
N PHE A 256 -5.53 -9.75 7.39
CA PHE A 256 -4.42 -8.79 7.42
C PHE A 256 -4.97 -7.36 7.50
N PHE A 257 -4.45 -6.61 8.45
CA PHE A 257 -4.94 -5.28 8.87
C PHE A 257 -3.75 -4.33 8.84
N CYS A 258 -3.90 -3.20 8.18
CA CYS A 258 -2.97 -2.07 8.37
C CYS A 258 -3.77 -0.81 8.64
N GLY A 259 -3.81 -0.40 9.91
CA GLY A 259 -4.61 0.78 10.31
C GLY A 259 -4.60 0.97 11.83
N PRO A 260 -5.54 1.79 12.35
CA PRO A 260 -5.51 2.21 13.74
C PRO A 260 -5.93 1.08 14.68
N THR A 261 -5.50 1.19 15.93
CA THR A 261 -5.60 0.15 16.99
C THR A 261 -7.03 -0.07 17.46
N GLY A 262 -7.82 0.99 17.63
CA GLY A 262 -9.27 0.87 17.97
C GLY A 262 -9.96 -0.11 17.04
N LEU A 263 -9.64 -0.03 15.76
CA LEU A 263 -10.24 -0.94 14.78
C LEU A 263 -9.64 -2.34 14.97
N ALA A 264 -8.32 -2.46 15.07
CA ALA A 264 -7.56 -3.73 15.24
C ALA A 264 -8.22 -4.57 16.34
N LEU A 265 -8.63 -3.87 17.36
CA LEU A 265 -9.14 -4.45 18.61
C LEU A 265 -10.51 -5.08 18.35
N GLN A 266 -11.41 -4.35 17.70
CA GLN A 266 -12.72 -4.86 17.19
C GLN A 266 -12.46 -6.04 16.21
N LEU A 267 -11.50 -5.91 15.30
CA LEU A 267 -11.21 -6.98 14.30
C LEU A 267 -10.71 -8.25 15.01
N ARG A 268 -9.89 -8.08 16.05
CA ARG A 268 -9.30 -9.21 16.81
C ARG A 268 -10.41 -10.03 17.45
N HIS A 269 -11.35 -9.39 18.14
CA HIS A 269 -12.49 -10.09 18.74
C HIS A 269 -13.23 -10.88 17.65
N LEU A 270 -13.51 -10.21 16.53
CA LEU A 270 -14.30 -10.78 15.41
C LEU A 270 -13.57 -11.99 14.83
N CYS A 271 -12.23 -11.97 14.73
CA CYS A 271 -11.46 -13.13 14.21
C CYS A 271 -11.61 -14.32 15.15
N THR A 272 -11.70 -14.10 16.46
CA THR A 272 -11.90 -15.22 17.42
C THR A 272 -13.32 -15.75 17.24
N LYS A 273 -14.31 -14.87 17.07
CA LYS A 273 -15.72 -15.26 16.87
C LYS A 273 -15.88 -16.17 15.65
N TYR A 274 -15.36 -15.79 14.49
CA TYR A 274 -15.69 -16.52 13.25
C TYR A 274 -14.55 -17.47 12.90
N GLY A 275 -13.53 -17.60 13.77
CA GLY A 275 -12.37 -18.47 13.52
C GLY A 275 -11.47 -18.03 12.36
N PHE A 276 -11.11 -16.76 12.23
CA PHE A 276 -10.18 -16.27 11.17
C PHE A 276 -8.77 -16.10 11.77
N GLY A 277 -7.73 -16.12 10.95
CA GLY A 277 -6.36 -15.91 11.42
C GLY A 277 -6.07 -14.45 11.71
N TYR A 278 -5.47 -14.17 12.87
CA TYR A 278 -5.11 -12.79 13.25
C TYR A 278 -3.62 -12.71 13.57
N ARG A 279 -2.99 -11.58 13.26
CA ARG A 279 -1.60 -11.33 13.66
C ARG A 279 -1.60 -10.05 14.48
N LYS A 280 -1.04 -10.07 15.69
CA LYS A 280 -0.94 -8.83 16.49
C LYS A 280 0.15 -7.95 15.86
N GLU A 281 -0.26 -6.89 15.19
CA GLU A 281 0.69 -5.94 14.56
C GLU A 281 0.34 -4.56 15.10
N ASN A 282 -0.64 -4.50 15.98
CA ASN A 282 -1.11 -3.19 16.51
C ASN A 282 -0.98 -3.20 18.02
N PHE A 283 -0.28 -2.19 18.55
CA PHE A 283 -0.04 -2.11 20.01
C PHE A 283 -0.39 -0.68 20.44
#